data_5MWX
#
_entry.id   5MWX
#
_cell.length_a   43.260
_cell.length_b   58.250
_cell.length_c   111.250
_cell.angle_alpha   90.000
_cell.angle_beta   90.000
_cell.angle_gamma   90.000
#
_symmetry.space_group_name_H-M   'P 21 21 21'
#
loop_
_entity.id
_entity.type
_entity.pdbx_description
1 polymer Galectin-1
2 non-polymer BETA-MERCAPTOETHANOL
3 non-polymer ~{N}-[(2~{R},3~{R},4~{R},5~{S},6~{R})-5-[(2~{S},3~{R},4~{S},5~{S},6~{R})-4-[[1-[[3-(3-azanylprop-1-ynyl)phenyl]methyl]-1,2,3-triazol-4-yl]methoxy]-6-(hydroxymethyl)-3,5-bis(oxidanyl)oxan-2-yl]oxy-6-(hydroxymethyl)-4-oxidanyl-2-propoxy-oxan-3-yl]ethanamide
4 non-polymer 'SULFATE ION'
5 water water
#
_entity_poly.entity_id   1
_entity_poly.type   'polypeptide(L)'
_entity_poly.pdbx_seq_one_letter_code
;CGLVASNLNLKPGE(CME)LRVRGEVAPDAKSFVLNLGKDSNNLCLHFNPRFNAHGDANTIVCNSKDGGAWGTEQREAVF
PFQPGSVAEV(CME)ITFDQANLTVKLPDGYEFKFPNRLNLEAINYMAADGDFKIK(CME)VAFD
;
_entity_poly.pdbx_strand_id   A,B
#
loop_
_chem_comp.id
_chem_comp.type
_chem_comp.name
_chem_comp.formula
BME non-polymer BETA-MERCAPTOETHANOL 'C2 H6 O S'
SO4 non-polymer 'SULFATE ION' 'O4 S -2'
WYD non-polymer ~{N}-[(2~{R},3~{R},4~{R},5~{S},6~{R})-5-[(2~{S},3~{R},4~{S},5~{S},6~{R})-4-[[1-[[3-(3-azanylprop-1-ynyl)phenyl]methyl]-1,2,3-triazol-4-yl]methoxy]-6-(hydroxymethyl)-3,5-bis(oxidanyl)oxan-2-yl]oxy-6-(hydroxymethyl)-4-oxidanyl-2-propoxy-oxan-3-yl]ethanamide 'C30 H43 N5 O11'
#
# COMPACT_ATOMS: atom_id res chain seq x y z
N CYS A 1 5.90 10.26 9.23
CA CYS A 1 5.61 10.13 7.79
C CYS A 1 4.83 8.85 7.51
N GLY A 2 3.88 8.89 6.58
CA GLY A 2 2.92 7.83 6.43
C GLY A 2 3.29 6.89 5.30
N LEU A 3 2.34 6.08 4.91
N LEU A 3 2.34 6.06 4.95
CA LEU A 3 2.53 5.05 3.91
CA LEU A 3 2.52 5.08 3.89
C LEU A 3 3.04 5.61 2.58
C LEU A 3 3.17 5.71 2.66
N VAL A 4 4.05 4.93 2.02
CA VAL A 4 4.60 5.25 0.72
C VAL A 4 4.49 4.02 -0.13
N ALA A 5 3.96 4.07 -1.28
CA ALA A 5 3.89 2.97 -2.19
C ALA A 5 4.39 3.34 -3.57
N SER A 6 5.13 2.46 -4.16
CA SER A 6 5.66 2.64 -5.47
C SER A 6 5.39 1.41 -6.33
N ASN A 7 5.61 1.56 -7.63
CA ASN A 7 5.25 0.58 -8.64
C ASN A 7 3.75 0.32 -8.72
N LEU A 8 2.94 1.36 -8.52
CA LEU A 8 1.48 1.12 -8.47
C LEU A 8 0.92 0.81 -9.84
N ASN A 9 1.55 1.34 -10.89
CA ASN A 9 1.09 1.09 -12.25
C ASN A 9 -0.42 1.37 -12.44
N LEU A 10 -0.90 2.48 -11.89
CA LEU A 10 -2.29 2.88 -12.05
C LEU A 10 -2.43 3.53 -13.41
N LYS A 11 -3.22 2.92 -14.28
CA LYS A 11 -3.38 3.33 -15.65
C LYS A 11 -4.60 4.24 -15.76
N PRO A 12 -4.71 5.01 -16.83
CA PRO A 12 -5.87 5.88 -17.00
C PRO A 12 -7.17 5.10 -16.87
N GLY A 13 -8.13 5.69 -16.18
CA GLY A 13 -9.44 5.11 -16.00
C GLY A 13 -9.52 4.19 -14.82
N GLU A 14 -8.40 3.78 -14.27
CA GLU A 14 -8.40 2.90 -13.09
C GLU A 14 -8.55 3.72 -11.80
N CME A 15 -9.13 3.12 -10.76
CA CME A 15 -9.48 3.85 -9.55
CB CME A 15 -10.85 3.50 -9.13
SG CME A 15 -11.59 4.50 -7.83
SD CME A 15 -12.00 6.31 -8.51
CE CME A 15 -13.65 6.28 -9.13
CZ CME A 15 -14.80 6.11 -8.20
OH CME A 15 -16.02 6.41 -8.75
C CME A 15 -8.61 3.46 -8.40
O CME A 15 -8.58 2.24 -8.03
H CME A 15 -9.37 2.24 -10.69
HA CME A 15 -9.41 4.81 -9.72
HB2 CME A 15 -11.43 3.55 -9.91
HB3 CME A 15 -10.84 2.58 -8.82
HE2 CME A 15 -13.70 5.54 -9.75
HE3 CME A 15 -13.79 7.10 -9.63
HZ2 CME A 15 -14.66 6.68 -7.42
HZ3 CME A 15 -14.81 5.18 -7.91
HH CME A 15 -16.66 6.24 -8.16
N LEU A 16 -8.00 4.45 -7.75
CA LEU A 16 -7.28 4.27 -6.51
C LEU A 16 -8.19 4.67 -5.34
N ARG A 17 -8.41 3.79 -4.38
CA ARG A 17 -9.28 4.09 -3.25
C ARG A 17 -8.45 4.03 -1.98
N VAL A 18 -8.59 5.00 -1.13
CA VAL A 18 -7.84 5.09 0.13
C VAL A 18 -8.84 5.38 1.21
N ARG A 19 -8.87 4.56 2.25
CA ARG A 19 -9.73 4.77 3.39
C ARG A 19 -8.87 4.96 4.63
N GLY A 20 -9.18 5.96 5.45
CA GLY A 20 -8.36 6.22 6.61
C GLY A 20 -9.16 6.87 7.72
N GLU A 21 -8.53 6.96 8.89
CA GLU A 21 -9.10 7.62 10.06
C GLU A 21 -8.47 9.00 10.18
N VAL A 22 -9.32 10.01 10.21
CA VAL A 22 -8.87 11.37 10.48
C VAL A 22 -8.80 11.56 11.99
N ALA A 23 -7.66 12.02 12.49
CA ALA A 23 -7.43 12.15 13.92
C ALA A 23 -8.43 13.12 14.57
N PRO A 24 -8.81 12.90 15.82
CA PRO A 24 -9.74 13.85 16.49
C PRO A 24 -9.23 15.27 16.53
N ASP A 25 -7.93 15.42 16.64
CA ASP A 25 -7.26 16.72 16.68
C ASP A 25 -6.54 17.04 15.37
N ALA A 26 -7.02 16.48 14.26
CA ALA A 26 -6.34 16.67 12.98
C ALA A 26 -6.22 18.13 12.63
N LYS A 27 -5.07 18.45 12.07
CA LYS A 27 -4.83 19.77 11.49
C LYS A 27 -4.77 19.74 10.00
N SER A 28 -4.21 18.69 9.40
N SER A 28 -4.21 18.69 9.42
CA SER A 28 -3.88 18.62 7.98
CA SER A 28 -4.19 18.53 7.97
C SER A 28 -3.57 17.18 7.64
C SER A 28 -3.67 17.15 7.65
N PHE A 29 -3.91 16.77 6.41
CA PHE A 29 -3.27 15.54 5.90
C PHE A 29 -3.01 15.72 4.43
N VAL A 30 -2.22 14.83 3.86
CA VAL A 30 -1.76 14.90 2.50
C VAL A 30 -1.82 13.55 1.86
N LEU A 31 -2.34 13.49 0.65
N LEU A 31 -2.28 13.52 0.62
CA LEU A 31 -2.05 12.39 -0.23
CA LEU A 31 -2.07 12.37 -0.25
C LEU A 31 -1.29 13.02 -1.39
C LEU A 31 -1.44 12.85 -1.55
N ASN A 32 -0.21 12.36 -1.81
CA ASN A 32 0.58 12.73 -2.95
C ASN A 32 0.53 11.59 -3.97
N LEU A 33 0.31 11.86 -5.22
CA LEU A 33 0.27 10.90 -6.29
C LEU A 33 1.15 11.37 -7.43
N GLY A 34 1.92 10.48 -8.01
CA GLY A 34 2.66 10.83 -9.22
C GLY A 34 3.62 9.76 -9.61
N LYS A 35 4.81 10.21 -9.97
CA LYS A 35 5.89 9.32 -10.36
C LYS A 35 6.86 9.05 -9.24
N ASP A 36 7.17 10.07 -8.47
CA ASP A 36 8.11 10.02 -7.38
C ASP A 36 7.94 11.30 -6.58
N SER A 37 8.73 11.50 -5.53
CA SER A 37 8.53 12.61 -4.61
C SER A 37 8.73 13.96 -5.26
N ASN A 38 9.43 14.04 -6.42
CA ASN A 38 9.67 15.29 -7.12
C ASN A 38 8.70 15.53 -8.24
N ASN A 39 7.82 14.57 -8.55
CA ASN A 39 6.94 14.58 -9.74
C ASN A 39 5.57 14.09 -9.36
N LEU A 40 4.74 15.04 -8.93
CA LEU A 40 3.43 14.75 -8.41
C LEU A 40 2.36 15.32 -9.35
N CYS A 41 1.50 14.47 -9.88
CA CYS A 41 0.34 14.96 -10.62
C CYS A 41 -0.74 15.46 -9.69
N LEU A 42 -0.73 14.99 -8.44
CA LEU A 42 -1.67 15.52 -7.44
C LEU A 42 -1.05 15.53 -6.08
N HIS A 43 -1.00 16.69 -5.47
CA HIS A 43 -0.78 16.90 -4.06
C HIS A 43 -2.13 17.34 -3.52
N PHE A 44 -2.73 16.50 -2.71
CA PHE A 44 -4.11 16.69 -2.19
C PHE A 44 -3.99 16.94 -0.72
N ASN A 45 -4.36 18.13 -0.23
CA ASN A 45 -4.04 18.56 1.13
C ASN A 45 -5.24 19.21 1.82
N PRO A 46 -6.13 18.40 2.37
CA PRO A 46 -7.18 18.93 3.25
C PRO A 46 -6.57 19.58 4.49
N ARG A 47 -6.93 20.88 4.72
CA ARG A 47 -6.46 21.62 5.87
C ARG A 47 -7.65 21.91 6.80
N PHE A 48 -7.68 21.23 7.95
CA PHE A 48 -8.71 21.50 8.95
C PHE A 48 -8.39 22.80 9.66
N ASN A 49 -7.13 22.97 10.03
CA ASN A 49 -6.63 24.17 10.68
C ASN A 49 -5.12 24.15 10.54
N ALA A 50 -4.60 24.59 9.39
CA ALA A 50 -3.18 24.60 9.12
C ALA A 50 -2.88 25.73 8.14
N HIS A 51 -1.69 26.32 8.27
CA HIS A 51 -1.21 27.42 7.41
C HIS A 51 -2.18 28.61 7.41
N GLY A 52 -2.91 28.81 8.49
CA GLY A 52 -3.92 29.85 8.53
C GLY A 52 -5.24 29.51 7.86
N ASP A 53 -5.35 28.33 7.26
CA ASP A 53 -6.55 27.91 6.55
C ASP A 53 -7.40 27.01 7.44
N ALA A 54 -8.73 27.13 7.27
CA ALA A 54 -9.71 26.36 8.01
C ALA A 54 -10.60 25.66 7.00
N ASN A 55 -10.74 24.38 7.16
CA ASN A 55 -11.64 23.58 6.39
C ASN A 55 -11.57 23.92 4.90
N THR A 56 -10.36 23.77 4.32
CA THR A 56 -10.11 24.03 2.92
C THR A 56 -9.22 22.98 2.34
N ILE A 57 -9.59 22.48 1.17
CA ILE A 57 -8.76 21.56 0.41
C ILE A 57 -7.82 22.34 -0.51
N VAL A 58 -6.55 22.14 -0.35
CA VAL A 58 -5.52 22.75 -1.17
C VAL A 58 -5.01 21.66 -2.09
N CYS A 59 -4.90 21.94 -3.36
CA CYS A 59 -4.31 21.00 -4.32
C CYS A 59 -3.22 21.68 -5.10
N ASN A 60 -2.23 20.89 -5.53
CA ASN A 60 -1.21 21.40 -6.41
C ASN A 60 -0.59 20.23 -7.15
N SER A 61 0.31 20.56 -8.08
CA SER A 61 1.22 19.65 -8.75
C SER A 61 2.66 19.97 -8.39
N LYS A 62 3.55 19.03 -8.72
CA LYS A 62 4.96 19.28 -8.58
C LYS A 62 5.65 18.64 -9.77
N ASP A 63 6.43 19.43 -10.49
CA ASP A 63 7.03 18.91 -11.74
C ASP A 63 8.51 19.16 -11.65
N GLY A 64 9.28 18.07 -11.63
CA GLY A 64 10.71 18.24 -11.51
C GLY A 64 11.13 19.07 -10.32
N GLY A 65 10.47 18.88 -9.18
CA GLY A 65 10.79 19.61 -8.01
C GLY A 65 10.04 20.89 -7.82
N ALA A 66 9.45 21.43 -8.86
CA ALA A 66 8.84 22.76 -8.82
C ALA A 66 7.32 22.66 -8.55
N TRP A 67 6.87 23.28 -7.48
CA TRP A 67 5.46 23.37 -7.24
C TRP A 67 4.77 24.18 -8.33
N GLY A 68 3.61 23.71 -8.74
CA GLY A 68 2.77 24.42 -9.67
C GLY A 68 1.93 25.46 -8.98
N THR A 69 0.91 25.91 -9.70
CA THR A 69 -0.01 26.91 -9.19
C THR A 69 -1.06 26.24 -8.32
N GLU A 70 -1.06 26.59 -7.05
CA GLU A 70 -2.00 25.99 -6.12
C GLU A 70 -3.44 26.34 -6.45
N GLN A 71 -4.39 25.48 -6.14
CA GLN A 71 -5.82 25.76 -6.29
C GLN A 71 -6.52 25.30 -5.02
N ARG A 72 -7.52 25.98 -4.59
CA ARG A 72 -8.37 25.65 -3.46
C ARG A 72 -9.77 25.24 -3.91
N GLU A 73 -10.32 24.23 -3.24
CA GLU A 73 -11.71 23.85 -3.52
C GLU A 73 -12.68 24.54 -2.54
N ALA A 74 -13.94 24.41 -2.75
CA ALA A 74 -14.86 25.17 -1.87
C ALA A 74 -15.75 24.28 -1.07
N VAL A 75 -15.50 22.99 -1.04
N VAL A 75 -15.52 22.95 -1.07
CA VAL A 75 -16.21 22.22 -0.06
CA VAL A 75 -16.30 22.03 -0.25
C VAL A 75 -15.18 21.54 0.79
C VAL A 75 -15.33 21.19 0.57
N PHE A 76 -15.68 20.95 1.84
CA PHE A 76 -14.80 20.32 2.81
C PHE A 76 -15.50 19.16 3.51
N PRO A 77 -15.62 18.01 2.88
CA PRO A 77 -16.45 16.91 3.39
C PRO A 77 -15.64 15.99 4.27
N PHE A 78 -14.94 16.53 5.22
CA PHE A 78 -14.17 15.78 6.21
C PHE A 78 -14.44 16.34 7.60
N GLN A 79 -14.36 15.47 8.59
CA GLN A 79 -14.59 15.82 9.99
C GLN A 79 -13.47 15.18 10.79
N PRO A 80 -12.88 15.89 11.72
CA PRO A 80 -11.95 15.21 12.63
C PRO A 80 -12.65 14.10 13.40
N GLY A 81 -11.88 13.05 13.70
CA GLY A 81 -12.42 11.92 14.42
C GLY A 81 -13.41 11.03 13.69
N SER A 82 -13.23 10.83 12.40
CA SER A 82 -14.15 10.04 11.58
C SER A 82 -13.36 9.28 10.53
N VAL A 83 -13.99 8.33 9.91
CA VAL A 83 -13.40 7.59 8.80
C VAL A 83 -13.75 8.28 7.50
N ALA A 84 -12.76 8.40 6.60
CA ALA A 84 -13.03 9.02 5.31
C ALA A 84 -12.38 8.18 4.22
N GLU A 85 -13.07 8.07 3.09
CA GLU A 85 -12.60 7.42 1.88
C GLU A 85 -12.43 8.45 0.77
N VAL A 86 -11.30 8.34 0.07
CA VAL A 86 -10.99 9.22 -1.11
C VAL A 86 -10.82 8.32 -2.31
N CME A 87 -11.38 8.55 -3.48
CA CME A 87 -11.22 7.77 -4.67
CB CME A 87 -12.54 7.17 -5.03
SG CME A 87 -13.26 6.16 -3.75
SD CME A 87 -15.25 6.58 -3.83
CE CME A 87 -15.42 8.02 -2.79
CZ CME A 87 -16.17 7.90 -1.51
OH CME A 87 -15.78 8.85 -0.59
C CME A 87 -10.71 8.67 -5.78
O CME A 87 -11.26 9.73 -6.06
H CME A 87 -11.95 9.23 -3.64
HA CME A 87 -10.57 7.07 -4.51
HB2 CME A 87 -13.16 7.90 -5.23
HB3 CME A 87 -12.43 6.63 -5.83
HE2 CME A 87 -15.81 8.73 -3.32
HE3 CME A 87 -14.51 8.30 -2.54
HZ2 CME A 87 -17.12 8.00 -1.70
HZ3 CME A 87 -16.01 7.01 -1.14
HH CME A 87 -16.30 8.77 0.14
N ILE A 88 -9.64 8.26 -6.42
CA ILE A 88 -8.99 9.07 -7.43
C ILE A 88 -8.88 8.26 -8.72
N THR A 89 -9.16 8.93 -9.84
N THR A 89 -9.26 8.87 -9.86
CA THR A 89 -8.96 8.38 -11.17
CA THR A 89 -8.94 8.35 -11.18
C THR A 89 -8.42 9.49 -12.08
C THR A 89 -8.24 9.45 -11.98
N PHE A 90 -7.80 9.13 -13.22
CA PHE A 90 -7.23 10.18 -14.06
C PHE A 90 -7.31 9.76 -15.51
N ASP A 91 -7.24 10.78 -16.37
CA ASP A 91 -6.95 10.59 -17.77
C ASP A 91 -5.93 11.66 -18.16
N GLN A 92 -5.64 11.82 -19.45
CA GLN A 92 -4.60 12.77 -19.80
C GLN A 92 -4.99 14.20 -19.46
N ALA A 93 -6.28 14.52 -19.39
CA ALA A 93 -6.70 15.90 -19.11
C ALA A 93 -6.72 16.23 -17.63
N ASN A 94 -7.31 15.36 -16.82
CA ASN A 94 -7.65 15.70 -15.46
C ASN A 94 -7.54 14.48 -14.56
N LEU A 95 -7.26 14.73 -13.28
CA LEU A 95 -7.57 13.78 -12.24
C LEU A 95 -8.94 14.10 -11.68
N THR A 96 -9.73 13.06 -11.41
CA THR A 96 -11.04 13.20 -10.77
C THR A 96 -10.93 12.68 -9.33
N VAL A 97 -11.25 13.54 -8.37
CA VAL A 97 -11.17 13.21 -6.94
C VAL A 97 -12.58 13.12 -6.39
N LYS A 98 -12.96 11.94 -5.89
CA LYS A 98 -14.27 11.65 -5.33
C LYS A 98 -14.09 11.53 -3.84
N LEU A 99 -14.88 12.31 -3.14
CA LEU A 99 -14.78 12.47 -1.71
C LEU A 99 -16.02 12.00 -0.99
N PRO A 100 -16.07 12.08 0.32
CA PRO A 100 -17.34 11.76 1.04
C PRO A 100 -18.44 12.77 0.71
N ASP A 101 -19.67 12.47 1.15
CA ASP A 101 -20.78 13.39 1.08
C ASP A 101 -21.14 13.81 -0.36
N GLY A 102 -20.90 12.92 -1.32
CA GLY A 102 -21.20 13.11 -2.71
C GLY A 102 -20.28 14.05 -3.48
N TYR A 103 -19.23 14.61 -2.88
CA TYR A 103 -18.51 15.69 -3.56
C TYR A 103 -17.41 15.12 -4.46
N GLU A 104 -17.27 15.69 -5.65
CA GLU A 104 -16.27 15.31 -6.65
C GLU A 104 -15.74 16.60 -7.27
N PHE A 105 -14.44 16.60 -7.61
CA PHE A 105 -13.87 17.70 -8.39
C PHE A 105 -12.76 17.20 -9.25
N LYS A 106 -12.41 17.99 -10.25
CA LYS A 106 -11.32 17.68 -11.16
C LYS A 106 -10.16 18.61 -10.87
N PHE A 107 -9.00 18.08 -11.12
CA PHE A 107 -7.76 18.83 -10.99
C PHE A 107 -6.96 18.57 -12.27
N PRO A 108 -6.50 19.62 -12.97
CA PRO A 108 -5.84 19.39 -14.23
C PRO A 108 -4.61 18.53 -14.07
N ASN A 109 -4.43 17.63 -15.03
CA ASN A 109 -3.26 16.78 -15.06
C ASN A 109 -2.16 17.55 -15.80
N ARG A 110 -1.24 18.10 -15.05
CA ARG A 110 -0.22 18.98 -15.59
C ARG A 110 1.07 18.28 -15.95
N LEU A 111 1.19 17.02 -15.65
CA LEU A 111 2.37 16.26 -15.97
C LEU A 111 2.06 15.36 -17.13
N ASN A 112 3.10 14.67 -17.60
CA ASN A 112 3.06 13.80 -18.74
C ASN A 112 3.28 12.32 -18.38
N LEU A 113 2.63 11.80 -17.36
CA LEU A 113 2.88 10.42 -16.94
C LEU A 113 1.97 9.42 -17.65
N GLU A 114 2.57 8.25 -18.00
CA GLU A 114 1.81 7.17 -18.60
C GLU A 114 0.93 6.48 -17.56
N ALA A 115 1.41 6.39 -16.33
CA ALA A 115 0.69 5.77 -15.24
C ALA A 115 1.08 6.52 -13.98
N ILE A 116 0.28 6.37 -12.93
CA ILE A 116 0.64 6.84 -11.58
C ILE A 116 1.33 5.66 -10.91
N ASN A 117 2.58 5.84 -10.56
CA ASN A 117 3.38 4.80 -9.95
C ASN A 117 3.68 5.01 -8.49
N TYR A 118 3.36 6.17 -7.92
CA TYR A 118 3.81 6.57 -6.59
C TYR A 118 2.67 7.19 -5.81
N MET A 119 2.56 6.80 -4.54
N MET A 119 2.50 6.74 -4.57
CA MET A 119 1.62 7.45 -3.65
CA MET A 119 1.62 7.35 -3.60
C MET A 119 2.22 7.57 -2.26
C MET A 119 2.45 7.64 -2.35
N ALA A 120 2.13 8.72 -1.66
CA ALA A 120 2.67 8.97 -0.33
C ALA A 120 1.59 9.63 0.51
N ALA A 121 1.45 9.22 1.74
CA ALA A 121 0.50 9.81 2.67
C ALA A 121 1.27 10.46 3.82
N ASP A 122 0.72 11.55 4.29
CA ASP A 122 1.30 12.16 5.46
C ASP A 122 0.23 12.86 6.26
N GLY A 123 0.59 13.18 7.48
CA GLY A 123 -0.26 14.02 8.35
C GLY A 123 -1.29 13.21 9.08
N ASP A 124 -2.42 13.87 9.42
CA ASP A 124 -3.26 13.38 10.50
C ASP A 124 -4.36 12.45 9.96
N PHE A 125 -3.96 11.42 9.22
CA PHE A 125 -4.89 10.47 8.59
C PHE A 125 -4.21 9.11 8.67
N LYS A 126 -4.80 8.17 9.37
CA LYS A 126 -4.23 6.83 9.52
C LYS A 126 -4.84 5.94 8.44
N ILE A 127 -4.02 5.44 7.50
CA ILE A 127 -4.54 4.65 6.39
C ILE A 127 -4.93 3.26 6.91
N LYS A 128 -6.13 2.84 6.56
CA LYS A 128 -6.69 1.53 6.92
C LYS A 128 -6.84 0.60 5.75
N CME A 129 -7.01 1.07 4.54
CA CME A 129 -7.20 0.26 3.37
CB CME A 129 -8.68 -0.19 3.29
SG CME A 129 -9.13 -1.08 1.83
SD CME A 129 -9.40 0.46 0.50
CE CME A 129 -10.70 1.64 0.58
CZ CME A 129 -11.95 1.11 0.01
OH CME A 129 -12.12 -0.26 0.16
C CME A 129 -6.79 1.05 2.15
O CME A 129 -7.10 2.26 2.07
H CME A 129 -7.04 1.95 4.32
HA CME A 129 -6.64 -0.53 3.44
HB2 CME A 129 -8.86 -0.76 4.06
HB3 CME A 129 -9.24 0.60 3.35
HE2 CME A 129 -10.84 1.88 1.51
HE3 CME A 129 -10.44 2.44 0.08
HZ2 CME A 129 -12.70 1.57 0.42
HZ3 CME A 129 -11.96 1.31 -0.94
HH CME A 129 -12.91 -0.49 -0.17
N VAL A 130 -6.09 0.40 1.19
N VAL A 130 -6.10 0.41 1.20
CA VAL A 130 -5.81 0.95 -0.14
CA VAL A 130 -5.87 0.97 -0.13
C VAL A 130 -6.23 -0.10 -1.14
C VAL A 130 -6.21 -0.10 -1.16
N ALA A 131 -6.99 0.27 -2.16
CA ALA A 131 -7.44 -0.64 -3.20
C ALA A 131 -7.10 -0.04 -4.55
N PHE A 132 -6.64 -0.90 -5.44
CA PHE A 132 -6.23 -0.53 -6.78
C PHE A 132 -7.26 -1.26 -7.62
N ASP A 133 -8.36 -0.59 -7.96
CA ASP A 133 -9.66 -1.30 -8.19
C ASP A 133 -9.64 -2.76 -7.70
N CYS B 1 9.14 -5.85 -9.21
CA CYS B 1 8.26 -5.48 -10.31
C CYS B 1 6.88 -5.08 -9.75
N GLY B 2 6.42 -5.80 -8.72
CA GLY B 2 5.11 -5.53 -8.18
C GLY B 2 5.16 -4.35 -7.20
N LEU B 3 4.05 -4.16 -6.52
CA LEU B 3 3.91 -3.12 -5.54
C LEU B 3 4.98 -3.17 -4.47
N VAL B 4 5.56 -2.00 -4.11
CA VAL B 4 6.47 -1.86 -2.98
C VAL B 4 5.91 -0.85 -2.02
N ALA B 5 5.74 -1.15 -0.77
CA ALA B 5 5.23 -0.22 0.21
C ALA B 5 6.18 -0.09 1.37
N SER B 6 6.34 1.13 1.87
N SER B 6 6.34 1.11 1.89
CA SER B 6 7.21 1.42 2.99
CA SER B 6 7.17 1.34 3.04
C SER B 6 6.42 2.23 4.02
C SER B 6 6.41 2.20 4.04
N ASN B 7 6.99 2.36 5.21
CA ASN B 7 6.33 3.00 6.35
C ASN B 7 5.01 2.34 6.75
N LEU B 8 4.94 1.02 6.65
N LEU B 8 4.93 1.02 6.65
CA LEU B 8 3.71 0.30 7.00
CA LEU B 8 3.68 0.30 6.99
C LEU B 8 3.36 0.46 8.46
C LEU B 8 3.35 0.41 8.45
N ASN B 9 4.37 0.53 9.32
CA ASN B 9 4.15 0.63 10.76
C ASN B 9 3.24 -0.47 11.29
N LEU B 10 3.45 -1.71 10.85
CA LEU B 10 2.68 -2.83 11.39
C LEU B 10 3.33 -3.28 12.70
N LYS B 11 2.51 -3.38 13.72
CA LYS B 11 2.99 -3.75 15.03
C LYS B 11 2.50 -5.15 15.45
N PRO B 12 3.09 -5.74 16.51
CA PRO B 12 2.70 -7.09 16.92
C PRO B 12 1.22 -7.22 17.17
N GLY B 13 0.66 -8.28 16.60
CA GLY B 13 -0.74 -8.59 16.74
C GLY B 13 -1.62 -7.94 15.70
N GLU B 14 -1.14 -6.90 15.03
CA GLU B 14 -1.98 -6.24 14.02
C GLU B 14 -1.99 -7.09 12.77
N CME B 15 -3.07 -7.07 11.99
CA CME B 15 -3.19 -7.92 10.80
CB CME B 15 -4.59 -8.45 10.79
SG CME B 15 -4.85 -9.76 9.63
SD CME B 15 -3.92 -11.44 10.01
CE CME B 15 -5.01 -12.36 11.12
CZ CME B 15 -6.39 -12.80 10.65
OH CME B 15 -7.23 -13.55 11.46
C CME B 15 -3.00 -7.12 9.57
O CME B 15 -3.67 -6.09 9.31
H CME B 15 -3.81 -6.55 12.11
HA CME B 15 -2.56 -8.65 10.83
HB2 CME B 15 -5.19 -7.71 10.56
HB3 CME B 15 -4.82 -8.77 11.68
HE2 CME B 15 -5.17 -11.77 11.88
HE3 CME B 15 -4.53 -13.13 11.45
HZ2 CME B 15 -6.27 -13.29 9.82
HZ3 CME B 15 -6.88 -11.99 10.43
HH CME B 15 -8.01 -13.67 11.05
N LEU B 16 -2.11 -7.61 8.73
CA LEU B 16 -1.92 -7.10 7.41
C LEU B 16 -2.67 -8.05 6.46
N ARG B 17 -3.64 -7.54 5.72
CA ARG B 17 -4.44 -8.36 4.81
C ARG B 17 -4.09 -7.96 3.37
N VAL B 18 -3.67 -8.91 2.55
CA VAL B 18 -3.32 -8.61 1.17
C VAL B 18 -4.19 -9.48 0.27
N ARG B 19 -4.97 -8.85 -0.59
N ARG B 19 -4.91 -8.85 -0.65
CA ARG B 19 -5.75 -9.57 -1.57
CA ARG B 19 -5.82 -9.50 -1.56
C ARG B 19 -5.16 -9.27 -2.95
C ARG B 19 -5.31 -9.25 -2.99
N GLY B 20 -5.13 -10.29 -3.78
CA GLY B 20 -4.61 -10.09 -5.12
C GLY B 20 -5.13 -11.15 -6.07
N GLU B 21 -4.65 -11.05 -7.30
CA GLU B 21 -5.00 -11.95 -8.39
C GLU B 21 -3.80 -12.79 -8.73
N VAL B 22 -3.95 -14.14 -8.62
CA VAL B 22 -2.94 -15.08 -9.05
C VAL B 22 -3.07 -15.21 -10.57
N ALA B 23 -1.99 -14.97 -11.28
CA ALA B 23 -2.06 -15.00 -12.74
C ALA B 23 -2.51 -16.36 -13.30
N PRO B 24 -3.14 -16.34 -14.47
CA PRO B 24 -3.58 -17.59 -15.12
C PRO B 24 -2.47 -18.55 -15.41
N ASP B 25 -1.27 -18.06 -15.73
CA ASP B 25 -0.15 -18.91 -16.09
C ASP B 25 0.83 -19.06 -14.95
N ALA B 26 0.35 -18.88 -13.70
CA ALA B 26 1.24 -18.65 -12.58
C ALA B 26 2.27 -19.75 -12.42
N LYS B 27 3.50 -19.33 -12.23
CA LYS B 27 4.59 -20.23 -11.86
C LYS B 27 5.10 -20.01 -10.45
N SER B 28 5.10 -18.76 -9.97
CA SER B 28 5.69 -18.43 -8.69
C SER B 28 5.18 -17.02 -8.38
N PHE B 29 4.94 -16.73 -7.09
CA PHE B 29 4.88 -15.36 -6.67
C PHE B 29 5.56 -15.16 -5.34
N VAL B 30 5.80 -13.91 -4.98
CA VAL B 30 6.51 -13.54 -3.76
C VAL B 30 5.80 -12.41 -3.06
N LEU B 31 5.73 -12.50 -1.74
N LEU B 31 5.79 -12.47 -1.73
CA LEU B 31 5.52 -11.36 -0.85
CA LEU B 31 5.49 -11.34 -0.87
C LEU B 31 6.69 -11.31 0.09
C LEU B 31 6.61 -11.26 0.15
N ASN B 32 7.35 -10.16 0.14
CA ASN B 32 8.43 -9.90 1.04
C ASN B 32 7.92 -8.93 2.10
N LEU B 33 8.22 -9.19 3.36
N LEU B 33 8.19 -9.22 3.37
CA LEU B 33 7.95 -8.31 4.48
CA LEU B 33 7.89 -8.34 4.48
C LEU B 33 9.16 -8.14 5.35
C LEU B 33 9.14 -8.17 5.33
N GLY B 34 9.33 -6.98 5.87
CA GLY B 34 10.42 -6.77 6.80
C GLY B 34 10.60 -5.34 7.21
N LYS B 35 11.85 -5.02 7.52
CA LYS B 35 12.25 -3.65 7.86
C LYS B 35 12.48 -2.84 6.59
N ASP B 36 13.11 -3.46 5.60
CA ASP B 36 13.49 -2.86 4.32
C ASP B 36 13.88 -3.99 3.39
N SER B 37 14.34 -3.68 2.20
CA SER B 37 14.57 -4.72 1.23
C SER B 37 15.73 -5.67 1.57
N ASN B 38 16.61 -5.31 2.47
CA ASN B 38 17.72 -6.13 2.89
C ASN B 38 17.50 -6.87 4.18
N ASN B 39 16.37 -6.61 4.84
CA ASN B 39 16.10 -7.16 6.17
C ASN B 39 14.66 -7.65 6.15
N LEU B 40 14.48 -8.90 5.73
CA LEU B 40 13.18 -9.52 5.53
C LEU B 40 12.91 -10.51 6.63
N CYS B 41 11.85 -10.28 7.42
CA CYS B 41 11.39 -11.33 8.30
C CYS B 41 10.59 -12.38 7.58
N LEU B 42 10.03 -12.11 6.43
CA LEU B 42 9.34 -13.11 5.67
C LEU B 42 9.49 -12.87 4.17
N HIS B 43 10.13 -13.79 3.51
CA HIS B 43 10.05 -13.97 2.07
C HIS B 43 9.12 -15.15 1.86
N PHE B 44 7.95 -14.91 1.38
CA PHE B 44 6.86 -15.83 1.21
C PHE B 44 6.72 -16.13 -0.26
N ASN B 45 7.10 -17.37 -0.66
CA ASN B 45 7.20 -17.69 -2.07
C ASN B 45 6.44 -18.97 -2.44
N PRO B 46 5.14 -18.86 -2.70
CA PRO B 46 4.41 -19.98 -3.34
C PRO B 46 4.95 -20.29 -4.73
N ARG B 47 5.37 -21.55 -4.91
CA ARG B 47 5.87 -22.01 -6.18
C ARG B 47 4.88 -23.03 -6.76
N PHE B 48 4.20 -22.67 -7.83
CA PHE B 48 3.38 -23.61 -8.55
C PHE B 48 4.25 -24.57 -9.30
N ASN B 49 5.22 -24.01 -10.03
CA ASN B 49 6.23 -24.78 -10.77
C ASN B 49 7.44 -23.88 -11.00
N ALA B 50 8.42 -23.96 -10.11
CA ALA B 50 9.55 -23.04 -10.16
C ALA B 50 10.70 -23.57 -9.31
N HIS B 51 11.93 -23.41 -9.83
CA HIS B 51 13.15 -23.77 -9.09
C HIS B 51 13.12 -25.22 -8.62
N GLY B 52 12.47 -26.09 -9.35
CA GLY B 52 12.45 -27.49 -8.96
C GLY B 52 11.40 -27.88 -7.96
N ASP B 53 10.54 -26.94 -7.58
CA ASP B 53 9.42 -27.19 -6.69
C ASP B 53 8.10 -27.14 -7.45
N ALA B 54 7.20 -28.04 -7.08
CA ALA B 54 5.83 -28.09 -7.58
C ALA B 54 4.87 -27.90 -6.40
N ASN B 55 3.95 -26.93 -6.49
CA ASN B 55 2.93 -26.71 -5.48
C ASN B 55 3.53 -26.75 -4.06
N THR B 56 4.53 -25.90 -3.81
CA THR B 56 5.19 -25.81 -2.53
C THR B 56 5.35 -24.33 -2.17
N ILE B 57 5.07 -23.99 -0.94
CA ILE B 57 5.40 -22.69 -0.39
C ILE B 57 6.78 -22.77 0.24
N VAL B 58 7.69 -21.91 -0.22
CA VAL B 58 9.02 -21.75 0.35
C VAL B 58 9.04 -20.44 1.10
N CYS B 59 9.52 -20.46 2.33
CA CYS B 59 9.71 -19.27 3.13
C CYS B 59 11.17 -19.11 3.53
N ASN B 60 11.60 -17.86 3.62
CA ASN B 60 12.92 -17.57 4.12
C ASN B 60 12.96 -16.22 4.78
N SER B 61 14.09 -15.90 5.38
CA SER B 61 14.42 -14.59 5.90
C SER B 61 15.62 -14.04 5.17
N LYS B 62 15.88 -12.74 5.37
CA LYS B 62 17.09 -12.11 4.85
C LYS B 62 17.58 -11.13 5.90
N ASP B 63 18.81 -11.26 6.35
CA ASP B 63 19.35 -10.47 7.45
C ASP B 63 20.59 -9.71 6.98
N GLY B 64 20.48 -8.40 6.87
CA GLY B 64 21.63 -7.67 6.35
C GLY B 64 22.06 -8.13 4.96
N GLY B 65 21.11 -8.45 4.08
CA GLY B 65 21.43 -8.88 2.72
C GLY B 65 21.70 -10.38 2.56
N ALA B 66 21.78 -11.14 3.64
CA ALA B 66 22.17 -12.56 3.59
C ALA B 66 20.89 -13.40 3.77
N TRP B 67 20.64 -14.30 2.81
CA TRP B 67 19.50 -15.18 2.96
C TRP B 67 19.71 -16.14 4.11
N GLY B 68 18.64 -16.49 4.80
CA GLY B 68 18.61 -17.55 5.77
C GLY B 68 18.39 -18.94 5.16
N THR B 69 17.99 -19.86 6.01
CA THR B 69 17.73 -21.21 5.59
C THR B 69 16.26 -21.32 5.24
N GLU B 70 15.99 -21.82 4.06
CA GLU B 70 14.62 -22.01 3.59
C GLU B 70 13.86 -22.99 4.46
N GLN B 71 12.58 -22.74 4.60
CA GLN B 71 11.61 -23.63 5.17
C GLN B 71 10.55 -23.93 4.15
N ARG B 72 10.18 -25.20 4.01
CA ARG B 72 9.17 -25.62 3.06
C ARG B 72 7.93 -26.00 3.81
N GLU B 73 6.79 -25.47 3.40
CA GLU B 73 5.55 -25.74 4.07
C GLU B 73 4.88 -27.00 3.54
N ALA B 74 3.82 -27.43 4.23
CA ALA B 74 3.17 -28.68 3.97
C ALA B 74 1.88 -28.54 3.20
N VAL B 75 1.44 -27.30 2.97
CA VAL B 75 0.13 -27.05 2.36
C VAL B 75 0.24 -26.07 1.19
N PHE B 76 -0.73 -26.12 0.27
CA PHE B 76 -0.69 -25.26 -0.92
C PHE B 76 -2.08 -24.91 -1.40
N PRO B 77 -2.73 -23.98 -0.78
CA PRO B 77 -4.12 -23.64 -1.13
C PRO B 77 -4.19 -22.48 -2.10
N PHE B 78 -3.41 -22.56 -3.16
CA PHE B 78 -3.45 -21.58 -4.24
C PHE B 78 -3.76 -22.25 -5.57
N GLN B 79 -4.43 -21.53 -6.46
CA GLN B 79 -4.70 -22.01 -7.82
C GLN B 79 -4.38 -20.92 -8.82
N PRO B 80 -3.83 -21.25 -9.99
CA PRO B 80 -3.64 -20.22 -11.02
C PRO B 80 -4.99 -19.65 -11.41
N GLY B 81 -5.00 -18.36 -11.75
CA GLY B 81 -6.19 -17.69 -12.29
C GLY B 81 -7.30 -17.60 -11.28
N SER B 82 -6.96 -17.15 -10.08
CA SER B 82 -7.93 -17.04 -9.01
C SER B 82 -7.56 -15.83 -8.19
N VAL B 83 -8.48 -15.42 -7.33
CA VAL B 83 -8.22 -14.39 -6.35
C VAL B 83 -7.82 -15.09 -5.07
N ALA B 84 -6.87 -14.50 -4.36
CA ALA B 84 -6.43 -15.03 -3.08
C ALA B 84 -6.13 -13.92 -2.10
N GLU B 85 -6.39 -14.22 -0.84
CA GLU B 85 -6.14 -13.34 0.30
C GLU B 85 -5.13 -14.06 1.19
N VAL B 86 -4.14 -13.30 1.66
CA VAL B 86 -3.18 -13.78 2.68
C VAL B 86 -3.25 -12.75 3.82
N CME B 87 -3.21 -13.21 5.06
CA CME B 87 -3.26 -12.38 6.22
CB CME B 87 -4.53 -12.61 6.95
SG CME B 87 -6.05 -12.29 6.02
SD CME B 87 -7.16 -14.06 6.37
CE CME B 87 -6.65 -15.17 5.05
CZ CME B 87 -7.70 -15.66 4.13
OH CME B 87 -7.33 -16.20 2.93
C CME B 87 -2.05 -12.66 7.04
O CME B 87 -1.76 -13.84 7.33
H CME B 87 -3.17 -14.08 5.30
HA CME B 87 -3.23 -11.45 5.94
HB2 CME B 87 -4.55 -13.54 7.22
HB3 CME B 87 -4.54 -12.05 7.74
HE2 CME B 87 -6.21 -15.94 5.46
HE3 CME B 87 -6.00 -14.70 4.52
HZ2 CME B 87 -8.21 -16.34 4.60
HZ3 CME B 87 -8.29 -14.92 3.95
HH CME B 87 -8.04 -16.50 2.50
N ILE B 88 -1.32 -11.66 7.44
CA ILE B 88 -0.09 -11.84 8.18
C ILE B 88 -0.15 -11.07 9.49
N THR B 89 0.25 -11.73 10.57
CA THR B 89 0.47 -11.11 11.85
C THR B 89 1.80 -11.63 12.38
N PHE B 90 2.37 -10.95 13.36
CA PHE B 90 3.60 -11.39 14.01
C PHE B 90 3.69 -11.00 15.46
N ASP B 91 4.60 -11.65 16.16
CA ASP B 91 4.92 -11.32 17.55
C ASP B 91 6.40 -11.60 17.74
N GLN B 92 6.80 -11.70 19.03
CA GLN B 92 8.20 -11.84 19.34
CA GLN B 92 8.19 -11.86 19.41
C GLN B 92 8.76 -13.12 18.78
N ALA B 93 7.97 -14.15 18.71
CA ALA B 93 8.51 -15.44 18.35
C ALA B 93 8.32 -15.79 16.87
N ASN B 94 7.16 -15.43 16.28
CA ASN B 94 6.76 -16.00 15.02
C ASN B 94 5.96 -15.01 14.20
N LEU B 95 6.00 -15.23 12.91
CA LEU B 95 4.97 -14.74 12.01
C LEU B 95 3.93 -15.83 11.86
N THR B 96 2.67 -15.43 11.78
CA THR B 96 1.57 -16.31 11.46
C THR B 96 1.03 -15.88 10.11
N VAL B 97 0.98 -16.79 9.16
CA VAL B 97 0.47 -16.54 7.83
C VAL B 97 -0.81 -17.34 7.66
N LYS B 98 -1.91 -16.61 7.51
CA LYS B 98 -3.19 -17.23 7.22
C LYS B 98 -3.43 -17.19 5.71
N LEU B 99 -3.85 -18.32 5.17
CA LEU B 99 -3.96 -18.60 3.74
C LEU B 99 -5.40 -18.86 3.38
N PRO B 100 -5.73 -19.00 2.09
CA PRO B 100 -7.09 -19.39 1.73
C PRO B 100 -7.43 -20.76 2.30
N ASP B 101 -8.74 -20.99 2.38
CA ASP B 101 -9.35 -22.29 2.71
C ASP B 101 -9.09 -22.75 4.14
N GLY B 102 -8.76 -21.83 5.04
CA GLY B 102 -8.54 -22.07 6.44
C GLY B 102 -7.16 -22.61 6.80
N TYR B 103 -6.22 -22.59 5.91
CA TYR B 103 -4.86 -23.03 6.23
C TYR B 103 -4.08 -21.92 6.92
N GLU B 104 -3.11 -22.29 7.73
CA GLU B 104 -2.20 -21.32 8.28
C GLU B 104 -0.90 -21.99 8.64
N PHE B 105 0.15 -21.19 8.76
CA PHE B 105 1.37 -21.71 9.33
C PHE B 105 2.14 -20.61 10.03
N LYS B 106 3.15 -21.02 10.78
CA LYS B 106 4.04 -20.13 11.48
C LYS B 106 5.43 -20.21 10.91
N PHE B 107 6.12 -19.07 10.92
CA PHE B 107 7.50 -18.98 10.52
C PHE B 107 8.27 -18.20 11.58
N PRO B 108 9.42 -18.66 12.08
CA PRO B 108 10.06 -17.98 13.22
C PRO B 108 10.44 -16.56 12.84
N ASN B 109 10.34 -15.63 13.79
CA ASN B 109 10.74 -14.24 13.61
C ASN B 109 12.23 -14.19 13.92
N ARG B 110 13.05 -14.55 12.92
CA ARG B 110 14.48 -14.72 13.04
C ARG B 110 15.22 -13.43 13.31
N LEU B 111 14.69 -12.32 12.83
N LEU B 111 14.70 -12.31 12.84
CA LEU B 111 15.33 -11.04 12.98
CA LEU B 111 15.31 -11.01 12.99
C LEU B 111 14.88 -10.37 14.28
C LEU B 111 14.83 -10.33 14.26
N ASN B 112 13.93 -10.99 14.99
CA ASN B 112 13.38 -10.40 16.23
C ASN B 112 12.80 -9.02 15.94
N LEU B 113 12.11 -8.88 14.80
CA LEU B 113 11.53 -7.57 14.48
C LEU B 113 10.38 -7.26 15.41
N GLU B 114 10.28 -5.99 15.82
N GLU B 114 10.31 -6.01 15.82
CA GLU B 114 9.16 -5.49 16.60
CA GLU B 114 9.22 -5.48 16.60
C GLU B 114 8.29 -4.51 15.81
C GLU B 114 8.22 -4.64 15.79
N ALA B 115 8.52 -4.40 14.51
CA ALA B 115 7.67 -3.66 13.60
C ALA B 115 7.96 -4.16 12.21
N ILE B 116 6.95 -4.21 11.34
CA ILE B 116 7.14 -4.48 9.92
C ILE B 116 6.81 -3.16 9.21
N ASN B 117 7.78 -2.67 8.47
CA ASN B 117 7.69 -1.40 7.78
C ASN B 117 7.70 -1.50 6.26
N TYR B 118 8.01 -2.66 5.71
CA TYR B 118 8.28 -2.84 4.28
C TYR B 118 7.53 -4.04 3.77
N MET B 119 6.93 -3.90 2.59
CA MET B 119 6.31 -5.01 1.87
C MET B 119 6.60 -4.87 0.39
N ALA B 120 6.88 -5.91 -0.31
CA ALA B 120 7.05 -5.90 -1.72
C ALA B 120 6.48 -7.15 -2.34
N ALA B 121 5.83 -7.04 -3.47
CA ALA B 121 5.28 -8.16 -4.21
C ALA B 121 6.07 -8.34 -5.50
N ASP B 122 6.16 -9.55 -5.98
CA ASP B 122 6.79 -9.85 -7.26
C ASP B 122 6.17 -11.11 -7.80
N GLY B 123 6.30 -11.32 -9.07
CA GLY B 123 5.89 -12.58 -9.65
C GLY B 123 4.45 -12.55 -10.06
N ASP B 124 3.84 -13.72 -10.04
CA ASP B 124 2.54 -13.92 -10.68
C ASP B 124 1.36 -13.63 -9.75
N PHE B 125 1.40 -12.51 -9.04
CA PHE B 125 0.35 -12.12 -8.10
C PHE B 125 0.17 -10.60 -8.19
N LYS B 126 -0.98 -10.16 -8.55
CA LYS B 126 -1.25 -8.72 -8.71
C LYS B 126 -2.03 -8.22 -7.52
N ILE B 127 -1.43 -7.33 -6.72
CA ILE B 127 -2.10 -6.85 -5.50
C ILE B 127 -3.24 -5.92 -5.85
N LYS B 128 -4.40 -6.22 -5.30
CA LYS B 128 -5.60 -5.43 -5.54
C LYS B 128 -6.07 -4.67 -4.31
N CME B 129 -5.75 -5.11 -3.11
CA CME B 129 -6.16 -4.43 -1.90
CB CME B 129 -7.56 -4.81 -1.51
SG CME B 129 -8.32 -3.96 -0.16
SD CME B 129 -7.61 -4.73 1.51
CE CME B 129 -7.66 -6.51 1.72
CZ CME B 129 -8.58 -6.89 2.85
OH CME B 129 -9.09 -8.16 2.95
C CME B 129 -5.21 -4.79 -0.78
O CME B 129 -4.82 -5.97 -0.63
H CME B 129 -5.27 -5.85 -2.92
HA CME B 129 -6.13 -3.47 -2.04
HB2 CME B 129 -7.56 -5.76 -1.31
HB3 CME B 129 -8.12 -4.68 -2.30
HE2 CME B 129 -6.77 -6.83 1.90
HE3 CME B 129 -7.99 -6.91 0.91
HZ2 CME B 129 -8.11 -6.70 3.68
HZ3 CME B 129 -9.34 -6.28 2.80
HH CME B 129 -9.58 -8.24 3.69
N VAL B 130 -4.87 -3.80 0.02
N VAL B 130 -4.80 -3.80 -0.02
CA VAL B 130 -4.08 -3.96 1.20
CA VAL B 130 -4.12 -4.09 1.22
C VAL B 130 -4.80 -3.30 2.36
C VAL B 130 -4.86 -3.34 2.30
N ALA B 131 -5.00 -4.02 3.43
CA ALA B 131 -5.74 -3.52 4.57
C ALA B 131 -4.96 -3.72 5.85
N PHE B 132 -5.18 -2.81 6.78
CA PHE B 132 -4.55 -2.85 8.10
C PHE B 132 -5.63 -2.97 9.15
N ASP B 133 -5.59 -4.06 9.91
CA ASP B 133 -6.33 -4.13 11.14
C ASP B 133 -5.34 -4.05 12.29
C1 BME C . 7.10 8.14 -16.63
C1 BME C . 5.69 8.33 -17.14
C2 BME C . 6.21 7.63 -15.50
C2 BME C . 5.84 7.08 -16.34
O1 BME C . 6.30 8.22 -17.78
O1 BME C . 5.02 7.98 -18.30
S2 BME C . 4.82 6.61 -16.16
S2 BME C . 6.85 7.28 -14.86
C4 WYD D . 1.93 27.29 0.85
C5 WYD D . 3.07 28.23 1.20
C6 WYD D . 4.39 27.64 0.67
C7 WYD D . -1.58 30.43 0.01
C8 WYD D . -0.90 30.32 -1.37
N2 WYD D . -0.84 29.85 0.97
C3 WYD D . 0.59 27.90 1.26
C1 WYD D . 1.67 30.14 0.88
C2 WYD D . 0.44 29.24 0.58
CAF WYD D . 0.89 17.53 7.87
CAH WYD D . 3.21 22.58 1.05
CAI WYD D . 0.70 33.65 0.02
CAJ WYD D . 4.15 20.40 1.46
CAK WYD D . 2.55 24.97 0.81
CAN WYD D . 1.33 15.36 12.22
CAO WYD D . 3.22 17.42 6.37
CAP WYD D . 2.06 18.05 5.85
CAQ WYD D . 2.83 23.80 1.82
CAR WYD D . 0.99 23.21 -2.13
CAS WYD D . 4.09 19.20 2.46
CAU WYD D . -0.63 34.34 -0.44
CAV WYD D . 0.66 32.31 0.78
CAX WYD D . 1.95 23.50 -0.94
CAY WYD D . 2.07 22.28 0.07
CAZ WYD D . 1.86 16.34 9.75
CBA WYD D . 0.88 18.07 6.60
CBB WYD D . 3.20 16.84 7.66
CBD WYD D . 4.44 19.22 3.75
CBE WYD D . 4.43 17.37 5.61
CBG WYD D . 1.60 15.89 10.93
CBI WYD D . 2.02 16.91 8.39
NAA WYD D . 0.91 13.94 12.13
NAB WYD D . 3.77 17.19 3.22
NAC WYD D . 4.22 17.97 4.23
NAE WYD D . 3.68 17.98 2.13
O1 WYD D . 1.55 31.38 0.13
O3 WYD D . -0.47 27.04 0.80
O4 WYD D . 2.08 26.06 1.57
O5 WYD D . 2.91 29.47 0.51
O6 WYD D . 5.48 28.35 1.22
O7 WYD D . -2.67 30.96 0.18
OBK WYD D . 3.87 24.13 2.76
OBL WYD D . 0.81 24.38 -3.00
OBP WYD D . 3.39 21.49 2.01
OBQ WYD D . 0.80 21.99 0.76
OBR WYD D . 1.52 24.62 -0.16
S SO4 E . 1.85 2.85 17.06
O1 SO4 E . 2.64 2.88 18.32
O2 SO4 E . 0.45 2.89 17.48
O3 SO4 E . 2.12 1.63 16.26
O4 SO4 E . 2.22 4.04 16.24
C4 WYD F . 16.74 -21.15 -4.73
C5 WYD F . 17.87 -21.27 -5.77
C6 WYD F . 18.68 -19.96 -5.81
C7 WYD F . 16.35 -25.75 -3.60
C8 WYD F . 17.51 -25.38 -2.66
N2 WYD F . 16.05 -24.78 -4.50
C3 WYD F . 15.96 -22.41 -4.75
C1 WYD F . 17.93 -23.57 -5.53
C2 WYD F . 16.85 -23.56 -4.45
CAF WYD F . 8.56 -14.53 -9.98
CAH WYD F . 14.95 -16.56 -4.66
CAI WYD F . 19.01 -26.38 -7.13
CAJ WYD F . 14.40 -14.28 -5.13
CAK WYD F . 15.94 -18.81 -4.54
CAN WYD F . 9.23 -14.61 -14.98
CAO WYD F . 10.56 -12.82 -9.04
CAP WYD F . 9.67 -13.41 -8.13
CAQ WYD F . 15.12 -17.89 -5.37
CAR WYD F . 14.64 -17.99 -1.12
CAS WYD F . 13.33 -13.44 -5.83
CAU WYD F . 17.65 -26.34 -7.84
CAV WYD F . 19.52 -25.03 -6.58
CAX WYD F . 15.23 -17.71 -2.53
CAY WYD F . 14.30 -16.80 -3.30
CAZ WYD F . 9.37 -14.16 -12.24
CBA WYD F . 8.66 -14.27 -8.58
CBB WYD F . 10.45 -13.06 -10.41
CBD WYD F . 13.24 -13.24 -7.14
CBE WYD F . 11.59 -11.95 -8.61
CBG WYD F . 9.31 -14.36 -13.44
CBI WYD F . 9.46 -13.93 -10.87
NAA WYD F . 10.32 -15.51 -15.40
NAB WYD F . 11.60 -12.23 -6.06
NAC WYD F . 12.14 -12.47 -7.30
NAE WYD F . 12.35 -12.80 -5.18
O1 WYD F . 18.80 -24.72 -5.35
O3 WYD F . 14.97 -22.37 -3.66
O4 WYD F . 15.85 -20.09 -5.20
O5 WYD F . 18.69 -22.36 -5.42
O6 WYD F . 19.39 -19.75 -4.60
O7 WYD F . 15.77 -26.83 -3.53
OBK WYD F . 15.78 -17.67 -6.65
OBL WYD F . 15.47 -18.80 -0.36
OBP WYD F . 14.14 -15.66 -5.49
OBQ WYD F . 13.02 -17.43 -3.50
OBR WYD F . 15.27 -18.94 -3.26
#